data_4FFY
#
_entry.id   4FFY
#
_cell.length_a   135.330
_cell.length_b   135.330
_cell.length_c   52.250
_cell.angle_alpha   90.000
_cell.angle_beta   90.000
_cell.angle_gamma   90.000
#
_symmetry.space_group_name_H-M   'P 43 21 2'
#
loop_
_entity.id
_entity.type
_entity.pdbx_description
1 polymer 'DENV1-E111 single chain variable fragment (light chain)'
2 polymer 'DENV1-E111 single chain variable fragment (heavy chain)'
3 polymer 'envelope glycoprotein'
4 non-polymer GLYCEROL
5 non-polymer 'CHLORIDE ION'
6 non-polymer 'SULFATE ION'
7 water water
#
loop_
_entity_poly.entity_id
_entity_poly.type
_entity_poly.pdbx_seq_one_letter_code
_entity_poly.pdbx_strand_id
1 'polypeptide(L)'
;NIVLTQSPASLAVSLGQRATISCRASESVDHYGNSFIYWYQQKPGQPPKLLIYLASNLESGVPARFSGSGSETDFTLTID
SVETDDAATYYCQQNNEDPYTFGGGTKLEIKGGGGSGGGGSGGGGS
;
L
2 'polypeptide(L)'
;QVQLLQPGAELVKPGASMKLSCKASGYTFTNWWMHWVRLRPGRGLEWIGRIDPNSDVNKYNEKFENRASLTVDKHSSTAY
MQLSSLTSEDSAIYYCARWFFPWYFDVWGTGTTVTVSSAASGADHHHHHH
;
H
3 'polypeptide(L)'
;MASMTLKGMSYVMCTGSFKLEKEVAETQHGTVLVQVKYEGTDAPCKIPFSTQDEKGATQNGRLITANPIVTDKEKPVNIE
AEPPFGESYIVVGAGEKALKLSWFKKGSSIG
;
A
#
# COMPACT_ATOMS: atom_id res chain seq x y z
N ASN A 1 -3.63 -7.53 14.97
CA ASN A 1 -3.24 -6.39 14.14
C ASN A 1 -1.82 -5.94 14.44
N ILE A 2 -1.06 -5.67 13.39
CA ILE A 2 0.27 -5.10 13.59
C ILE A 2 0.12 -3.62 13.96
N VAL A 3 0.61 -3.25 15.13
CA VAL A 3 0.50 -1.87 15.58
C VAL A 3 1.77 -1.10 15.21
N LEU A 4 1.58 0.08 14.62
CA LEU A 4 2.70 0.92 14.21
C LEU A 4 2.74 2.16 15.09
N THR A 5 3.86 2.37 15.76
CA THR A 5 4.01 3.51 16.65
C THR A 5 5.05 4.48 16.11
N GLN A 6 4.64 5.71 15.89
CA GLN A 6 5.55 6.72 15.37
C GLN A 6 6.09 7.61 16.48
N SER A 7 7.28 8.14 16.25
CA SER A 7 7.92 9.02 17.21
C SER A 7 8.80 10.03 16.45
N PRO A 8 8.73 11.31 16.84
CA PRO A 8 7.87 11.83 17.90
C PRO A 8 6.47 12.17 17.38
N ALA A 9 5.60 12.69 18.23
CA ALA A 9 4.28 13.11 17.78
C ALA A 9 4.40 14.29 16.82
N SER A 10 5.26 15.25 17.18
CA SER A 10 5.60 16.33 16.26
C SER A 10 6.99 16.86 16.56
N LEU A 11 7.56 17.55 15.59
CA LEU A 11 8.90 18.09 15.74
C LEU A 11 9.09 19.29 14.83
N ALA A 12 9.99 20.19 15.23
CA ALA A 12 10.31 21.36 14.44
C ALA A 12 11.79 21.33 14.11
N VAL A 13 12.12 21.54 12.85
CA VAL A 13 13.50 21.49 12.40
C VAL A 13 13.88 22.78 11.70
N SER A 14 15.05 23.31 12.05
CA SER A 14 15.56 24.54 11.45
C SER A 14 15.81 24.32 9.98
N LEU A 15 15.48 25.31 9.16
CA LEU A 15 15.62 25.19 7.70
C LEU A 15 17.04 24.81 7.28
N GLY A 16 17.14 23.76 6.48
CA GLY A 16 18.43 23.29 6.00
C GLY A 16 19.01 22.19 6.87
N GLN A 17 18.41 21.95 8.03
CA GLN A 17 18.90 20.91 8.93
C GLN A 17 18.28 19.54 8.66
N ARG A 18 18.78 18.52 9.36
CA ARG A 18 18.33 17.15 9.17
C ARG A 18 17.11 16.82 10.03
N ALA A 19 16.18 16.06 9.47
CA ALA A 19 15.01 15.60 10.21
C ALA A 19 14.92 14.08 10.21
N THR A 20 14.50 13.50 11.33
CA THR A 20 14.34 12.05 11.44
C THR A 20 13.05 11.66 12.16
N ILE A 21 12.30 10.76 11.55
CA ILE A 21 11.05 10.27 12.11
C ILE A 21 11.14 8.76 12.16
N SER A 22 10.73 8.16 13.27
CA SER A 22 10.82 6.72 13.39
C SER A 22 9.44 6.07 13.41
N CYS A 23 9.39 4.84 12.91
CA CYS A 23 8.18 4.02 12.97
C CYS A 23 8.56 2.66 13.53
N ARG A 24 7.87 2.23 14.57
CA ARG A 24 8.14 0.95 15.19
C ARG A 24 6.92 0.07 15.12
N ALA A 25 7.13 -1.18 14.70
CA ALA A 25 6.03 -2.11 14.49
C ALA A 25 5.98 -3.16 15.62
N SER A 26 4.77 -3.51 16.03
CA SER A 26 4.57 -4.47 17.12
C SER A 26 5.04 -5.87 16.73
N GLU A 27 5.23 -6.10 15.43
CA GLU A 27 5.86 -7.33 14.94
C GLU A 27 6.36 -7.12 13.51
N SER A 28 7.05 -8.13 12.97
CA SER A 28 7.73 -8.00 11.68
C SER A 28 6.81 -7.65 10.51
N VAL A 29 7.30 -6.77 9.63
CA VAL A 29 6.57 -6.43 8.42
C VAL A 29 7.34 -6.91 7.20
N ASP A 30 8.29 -7.83 7.42
CA ASP A 30 9.07 -8.40 6.33
C ASP A 30 8.34 -9.53 5.65
N HIS A 31 8.39 -9.51 4.32
CA HIS A 31 7.75 -10.51 3.49
C HIS A 31 8.76 -10.86 2.41
N TYR A 32 9.29 -12.08 2.46
CA TYR A 32 10.32 -12.54 1.52
C TYR A 32 11.50 -11.58 1.40
N GLY A 33 11.98 -11.07 2.53
CA GLY A 33 13.18 -10.25 2.54
C GLY A 33 12.94 -8.79 2.25
N ASN A 34 11.69 -8.41 2.04
CA ASN A 34 11.36 -7.01 1.84
C ASN A 34 10.43 -6.50 2.93
N SER A 35 10.61 -5.25 3.34
CA SER A 35 9.76 -4.69 4.37
C SER A 35 8.51 -4.11 3.73
N PHE A 36 7.36 -4.69 4.03
CA PHE A 36 6.11 -4.17 3.47
C PHE A 36 5.60 -2.95 4.26
N ILE A 37 6.36 -1.87 4.19
CA ILE A 37 6.04 -0.65 4.91
C ILE A 37 6.25 0.58 4.02
N TYR A 38 5.45 1.62 4.22
CA TYR A 38 5.43 2.74 3.30
C TYR A 38 5.32 4.05 4.07
N TRP A 39 5.88 5.12 3.51
CA TRP A 39 5.76 6.43 4.13
C TRP A 39 4.99 7.40 3.25
N TYR A 40 3.96 7.99 3.80
CA TYR A 40 3.16 8.98 3.08
C TYR A 40 3.33 10.36 3.70
N GLN A 41 3.16 11.38 2.88
CA GLN A 41 3.21 12.76 3.32
C GLN A 41 1.85 13.40 3.13
N GLN A 42 1.33 14.07 4.15
CA GLN A 42 0.06 14.79 3.96
C GLN A 42 0.12 16.22 4.46
N LYS A 43 -0.34 17.13 3.62
CA LYS A 43 -0.45 18.54 3.97
C LYS A 43 -1.92 18.89 4.12
N PRO A 44 -2.22 19.94 4.92
CA PRO A 44 -3.59 20.38 5.14
C PRO A 44 -4.35 20.62 3.83
N GLY A 45 -5.58 20.13 3.75
CA GLY A 45 -6.41 20.30 2.57
C GLY A 45 -6.06 19.38 1.41
N GLN A 46 -5.04 18.55 1.58
CA GLN A 46 -4.61 17.65 0.51
C GLN A 46 -4.69 16.20 0.93
N PRO A 47 -4.93 15.30 -0.04
CA PRO A 47 -4.85 13.86 0.25
C PRO A 47 -3.38 13.45 0.41
N PRO A 48 -3.13 12.33 1.09
CA PRO A 48 -1.75 11.87 1.28
C PRO A 48 -1.04 11.60 -0.04
N LYS A 49 0.29 11.52 0.02
CA LYS A 49 1.12 11.30 -1.14
C LYS A 49 2.27 10.36 -0.78
N LEU A 50 2.43 9.28 -1.53
CA LEU A 50 3.49 8.32 -1.25
C LEU A 50 4.87 8.93 -1.46
N LEU A 51 5.79 8.66 -0.53
CA LEU A 51 7.16 9.13 -0.68
C LEU A 51 8.15 7.98 -0.77
N ILE A 52 8.06 7.04 0.17
CA ILE A 52 9.00 5.93 0.27
C ILE A 52 8.24 4.62 0.33
N TYR A 53 8.71 3.62 -0.42
CA TYR A 53 8.09 2.31 -0.37
C TYR A 53 9.11 1.21 -0.13
N LEU A 54 8.64 0.14 0.51
CA LEU A 54 9.51 -0.95 0.93
C LEU A 54 10.69 -0.41 1.73
N ALA A 55 10.36 0.47 2.67
CA ALA A 55 11.31 1.03 3.64
C ALA A 55 12.30 2.04 3.09
N SER A 56 12.87 1.80 1.91
CA SER A 56 14.00 2.59 1.43
C SER A 56 13.92 3.10 -0.01
N ASN A 57 12.91 2.67 -0.76
CA ASN A 57 12.84 3.06 -2.16
C ASN A 57 12.06 4.36 -2.40
N LEU A 58 12.71 5.28 -3.12
CA LEU A 58 12.13 6.57 -3.42
C LEU A 58 11.17 6.49 -4.59
N GLU A 59 9.94 6.97 -4.38
CA GLU A 59 8.98 7.12 -5.46
C GLU A 59 9.51 8.17 -6.43
N SER A 60 9.32 7.94 -7.73
CA SER A 60 9.77 8.89 -8.74
C SER A 60 9.19 10.29 -8.53
N GLY A 61 10.02 11.31 -8.71
CA GLY A 61 9.59 12.68 -8.52
C GLY A 61 9.88 13.21 -7.14
N VAL A 62 10.09 12.32 -6.18
CA VAL A 62 10.42 12.72 -4.81
C VAL A 62 11.89 13.13 -4.73
N PRO A 63 12.16 14.30 -4.11
CA PRO A 63 13.52 14.84 -4.00
C PRO A 63 14.48 13.89 -3.29
N ALA A 64 15.76 13.96 -3.67
CA ALA A 64 16.75 13.04 -3.14
C ALA A 64 17.03 13.22 -1.66
N ARG A 65 16.68 14.37 -1.10
CA ARG A 65 16.89 14.63 0.32
C ARG A 65 16.10 13.67 1.22
N PHE A 66 15.05 13.07 0.66
CA PHE A 66 14.28 12.06 1.38
C PHE A 66 14.96 10.70 1.29
N SER A 67 15.00 10.00 2.41
CA SER A 67 15.53 8.64 2.44
C SER A 67 14.88 7.88 3.58
N GLY A 68 14.86 6.57 3.47
CA GLY A 68 14.31 5.73 4.51
C GLY A 68 15.17 4.52 4.74
N SER A 69 15.10 3.95 5.94
CA SER A 69 15.87 2.76 6.24
C SER A 69 15.21 1.94 7.32
N GLY A 70 15.71 0.72 7.49
CA GLY A 70 15.25 -0.16 8.54
C GLY A 70 14.75 -1.47 8.00
N SER A 71 14.44 -2.40 8.91
CA SER A 71 13.86 -3.68 8.53
C SER A 71 13.14 -4.28 9.73
N GLU A 72 12.35 -5.32 9.46
CA GLU A 72 11.62 -6.04 10.50
C GLU A 72 10.64 -5.18 11.28
N THR A 73 11.13 -4.49 12.31
CA THR A 73 10.24 -3.73 13.19
C THR A 73 10.63 -2.27 13.40
N ASP A 74 11.83 -1.89 13.00
CA ASP A 74 12.30 -0.52 13.23
C ASP A 74 12.60 0.19 11.94
N PHE A 75 11.97 1.34 11.73
CA PHE A 75 12.14 2.10 10.50
C PHE A 75 12.31 3.59 10.77
N THR A 76 12.99 4.26 9.86
CA THR A 76 13.17 5.70 9.98
C THR A 76 13.02 6.39 8.63
N LEU A 77 12.40 7.56 8.66
CA LEU A 77 12.33 8.42 7.50
C LEU A 77 13.28 9.57 7.78
N THR A 78 14.09 9.93 6.80
CA THR A 78 15.06 11.00 6.96
C THR A 78 15.01 12.03 5.84
N ILE A 79 15.00 13.31 6.22
CA ILE A 79 15.19 14.40 5.27
C ILE A 79 16.48 15.08 5.67
N ASP A 80 17.56 14.86 4.91
CA ASP A 80 18.88 15.31 5.33
C ASP A 80 19.04 16.83 5.33
N SER A 81 18.16 17.53 4.62
CA SER A 81 18.19 18.99 4.62
C SER A 81 16.82 19.57 4.30
N VAL A 82 16.06 19.88 5.35
CA VAL A 82 14.67 20.29 5.19
C VAL A 82 14.50 21.61 4.44
N GLU A 83 13.40 21.68 3.70
CA GLU A 83 13.00 22.90 3.03
C GLU A 83 11.62 23.26 3.54
N THR A 84 11.14 24.44 3.17
CA THR A 84 9.87 24.95 3.64
C THR A 84 8.70 24.02 3.32
N ASP A 85 8.70 23.48 2.11
CA ASP A 85 7.59 22.66 1.63
C ASP A 85 7.62 21.25 2.21
N ASP A 86 8.57 20.98 3.10
CA ASP A 86 8.66 19.67 3.73
C ASP A 86 7.77 19.58 4.97
N ALA A 87 7.23 20.73 5.39
CA ALA A 87 6.31 20.77 6.53
C ALA A 87 5.00 20.06 6.18
N ALA A 88 4.71 19.00 6.92
CA ALA A 88 3.56 18.14 6.66
C ALA A 88 3.43 17.15 7.80
N THR A 89 2.40 16.31 7.74
CA THR A 89 2.32 15.17 8.65
C THR A 89 2.74 13.91 7.89
N TYR A 90 3.59 13.10 8.51
CA TYR A 90 4.08 11.89 7.87
C TYR A 90 3.52 10.65 8.56
N TYR A 91 3.07 9.70 7.75
CA TYR A 91 2.49 8.45 8.23
C TYR A 91 3.22 7.27 7.64
N CYS A 92 3.50 6.27 8.46
CA CYS A 92 3.95 4.99 7.95
C CYS A 92 2.75 4.07 7.89
N GLN A 93 2.81 3.07 7.02
CA GLN A 93 1.71 2.13 6.86
C GLN A 93 2.30 0.78 6.52
N GLN A 94 1.67 -0.28 6.99
CA GLN A 94 2.11 -1.62 6.63
C GLN A 94 0.99 -2.37 5.93
N ASN A 95 1.37 -3.31 5.08
CA ASN A 95 0.40 -4.24 4.51
C ASN A 95 0.95 -5.65 4.50
N ASN A 96 1.87 -5.92 5.43
CA ASN A 96 2.39 -7.27 5.59
C ASN A 96 1.32 -8.25 6.05
N GLU A 97 0.31 -7.74 6.74
CA GLU A 97 -0.84 -8.57 7.09
C GLU A 97 -2.12 -7.75 7.27
N ASP A 98 -3.26 -8.35 6.92
CA ASP A 98 -4.56 -7.71 7.10
C ASP A 98 -4.94 -7.64 8.58
N PRO A 99 -5.58 -6.54 9.01
CA PRO A 99 -5.91 -5.39 8.17
C PRO A 99 -4.72 -4.44 8.07
N TYR A 100 -4.64 -3.68 6.98
CA TYR A 100 -3.58 -2.69 6.84
C TYR A 100 -3.70 -1.73 8.02
N THR A 101 -2.57 -1.29 8.54
CA THR A 101 -2.57 -0.34 9.64
C THR A 101 -1.65 0.83 9.35
N PHE A 102 -1.99 1.98 9.91
CA PHE A 102 -1.21 3.20 9.76
C PHE A 102 -0.63 3.63 11.10
N GLY A 103 0.53 4.27 11.08
CA GLY A 103 1.07 4.90 12.28
C GLY A 103 0.25 6.11 12.66
N GLY A 104 0.45 6.61 13.88
CA GLY A 104 -0.36 7.70 14.40
C GLY A 104 -0.11 9.06 13.74
N GLY A 105 0.98 9.16 12.99
CA GLY A 105 1.31 10.40 12.31
C GLY A 105 2.30 11.27 13.07
N THR A 106 3.27 11.81 12.36
CA THR A 106 4.27 12.72 12.93
C THR A 106 4.21 14.05 12.17
N LYS A 107 4.00 15.15 12.90
CA LYS A 107 3.88 16.45 12.24
C LYS A 107 5.18 17.24 12.27
N LEU A 108 5.70 17.55 11.09
CA LEU A 108 6.95 18.26 10.97
C LEU A 108 6.75 19.73 10.66
N GLU A 109 7.38 20.60 11.45
CA GLU A 109 7.36 22.05 11.19
C GLU A 109 8.76 22.54 10.83
N ILE A 110 8.83 23.69 10.16
CA ILE A 110 10.12 24.25 9.76
C ILE A 110 10.34 25.60 10.43
N LYS A 111 11.52 25.79 11.01
CA LYS A 111 11.90 27.07 11.59
C LYS A 111 12.76 27.89 10.63
N GLY A 112 12.41 29.16 10.46
CA GLY A 112 13.13 30.05 9.56
C GLY A 112 12.43 30.26 8.24
N GLN B 1 -3.52 11.54 -17.23
CA GLN B 1 -3.49 11.94 -15.83
C GLN B 1 -4.60 11.28 -15.03
N VAL B 2 -4.20 10.55 -13.98
CA VAL B 2 -5.13 9.77 -13.18
C VAL B 2 -5.89 10.62 -12.17
N GLN B 3 -7.21 10.48 -12.13
CA GLN B 3 -8.02 11.21 -11.17
C GLN B 3 -9.06 10.29 -10.52
N LEU B 4 -9.15 10.36 -9.20
CA LEU B 4 -10.21 9.67 -8.46
C LEU B 4 -11.08 10.72 -7.78
N LEU B 5 -12.26 10.96 -8.35
CA LEU B 5 -13.09 12.06 -7.87
C LEU B 5 -14.16 11.59 -6.90
N GLN B 6 -14.22 12.29 -5.77
CA GLN B 6 -15.23 12.03 -4.75
C GLN B 6 -15.97 13.33 -4.46
N PRO B 7 -17.24 13.24 -4.06
CA PRO B 7 -17.96 14.42 -3.59
C PRO B 7 -17.27 15.04 -2.35
N GLY B 8 -17.34 16.35 -2.22
CA GLY B 8 -16.61 17.03 -1.16
C GLY B 8 -17.12 16.79 0.23
N ALA B 9 -18.44 16.65 0.38
CA ALA B 9 -19.02 16.53 1.70
C ALA B 9 -20.30 15.72 1.73
N GLU B 10 -20.57 15.11 2.88
CA GLU B 10 -21.85 14.47 3.13
C GLU B 10 -22.26 14.78 4.55
N LEU B 11 -23.55 15.08 4.72
CA LEU B 11 -24.11 15.31 6.03
C LEU B 11 -25.19 14.26 6.26
N VAL B 12 -24.93 13.33 7.17
CA VAL B 12 -25.85 12.22 7.41
C VAL B 12 -26.20 12.12 8.89
N LYS B 13 -27.40 11.63 9.18
CA LYS B 13 -27.87 11.52 10.56
C LYS B 13 -27.32 10.25 11.22
N PRO B 14 -27.15 10.29 12.55
CA PRO B 14 -26.73 9.10 13.29
C PRO B 14 -27.68 7.92 13.03
N GLY B 15 -27.13 6.71 12.93
CA GLY B 15 -27.94 5.53 12.68
C GLY B 15 -28.32 5.33 11.23
N ALA B 16 -28.25 6.41 10.44
CA ALA B 16 -28.52 6.31 9.01
C ALA B 16 -27.41 5.57 8.28
N SER B 17 -27.55 5.48 6.97
CA SER B 17 -26.56 4.83 6.13
C SER B 17 -26.04 5.83 5.09
N MET B 18 -24.83 5.63 4.60
CA MET B 18 -24.31 6.47 3.52
C MET B 18 -23.65 5.63 2.44
N LYS B 19 -23.66 6.15 1.22
CA LYS B 19 -23.01 5.47 0.10
C LYS B 19 -22.11 6.45 -0.63
N LEU B 20 -20.79 6.27 -0.47
CA LEU B 20 -19.82 7.20 -1.04
C LEU B 20 -19.31 6.72 -2.39
N SER B 21 -19.13 7.64 -3.31
CA SER B 21 -18.70 7.30 -4.65
C SER B 21 -17.27 7.74 -4.94
N CYS B 22 -16.61 7.00 -5.82
CA CYS B 22 -15.27 7.31 -6.25
C CYS B 22 -15.22 7.10 -7.76
N LYS B 23 -15.16 8.21 -8.48
CA LYS B 23 -15.22 8.17 -9.94
C LYS B 23 -13.82 8.26 -10.54
N ALA B 24 -13.39 7.15 -11.14
CA ALA B 24 -12.04 7.05 -11.68
C ALA B 24 -11.97 7.52 -13.14
N SER B 25 -10.84 8.14 -13.49
CA SER B 25 -10.59 8.54 -14.87
C SER B 25 -9.09 8.59 -15.16
N GLY B 26 -8.72 8.44 -16.42
CA GLY B 26 -7.34 8.55 -16.82
C GLY B 26 -6.63 7.21 -16.93
N TYR B 27 -7.35 6.13 -16.65
CA TYR B 27 -6.75 4.81 -16.69
C TYR B 27 -7.83 3.74 -16.83
N THR B 28 -7.41 2.51 -17.12
CA THR B 28 -8.34 1.39 -17.17
C THR B 28 -8.75 1.00 -15.75
N PHE B 29 -9.96 1.39 -15.38
CA PHE B 29 -10.50 1.20 -14.04
C PHE B 29 -10.38 -0.22 -13.50
N THR B 30 -10.64 -1.20 -14.36
CA THR B 30 -10.68 -2.60 -13.94
C THR B 30 -9.29 -3.22 -13.85
N ASN B 31 -8.26 -2.44 -14.13
CA ASN B 31 -6.88 -2.94 -14.07
C ASN B 31 -6.23 -2.79 -12.68
N TRP B 32 -6.89 -2.07 -11.78
CA TRP B 32 -6.31 -1.75 -10.48
C TRP B 32 -7.33 -1.92 -9.35
N TRP B 33 -6.89 -2.42 -8.20
CA TRP B 33 -7.75 -2.55 -7.04
C TRP B 33 -8.05 -1.19 -6.44
N MET B 34 -9.17 -1.08 -5.75
CA MET B 34 -9.51 0.15 -5.06
C MET B 34 -9.63 -0.12 -3.57
N HIS B 35 -8.99 0.73 -2.77
CA HIS B 35 -9.05 0.62 -1.31
C HIS B 35 -9.80 1.82 -0.75
N TRP B 36 -10.26 1.69 0.49
CA TRP B 36 -10.88 2.82 1.18
C TRP B 36 -10.20 3.07 2.52
N VAL B 37 -9.95 4.34 2.82
CA VAL B 37 -9.23 4.73 4.03
C VAL B 37 -9.90 5.99 4.56
N ARG B 38 -10.03 6.09 5.88
CA ARG B 38 -10.60 7.29 6.47
C ARG B 38 -9.64 7.99 7.43
N LEU B 39 -9.77 9.31 7.50
CA LEU B 39 -8.95 10.11 8.39
C LEU B 39 -9.83 10.82 9.41
N ARG B 40 -9.68 10.45 10.68
CA ARG B 40 -10.40 11.11 11.75
C ARG B 40 -9.50 12.13 12.43
N PRO B 41 -10.09 13.25 12.86
CA PRO B 41 -9.33 14.32 13.50
C PRO B 41 -8.59 13.84 14.74
N GLY B 42 -7.27 13.97 14.74
CA GLY B 42 -6.45 13.60 15.87
C GLY B 42 -6.40 12.11 16.18
N ARG B 43 -6.88 11.28 15.25
CA ARG B 43 -6.88 9.83 15.46
C ARG B 43 -6.22 9.06 14.32
N GLY B 44 -5.72 9.79 13.32
CA GLY B 44 -4.95 9.18 12.26
C GLY B 44 -5.75 8.51 11.17
N LEU B 45 -5.09 7.65 10.41
CA LEU B 45 -5.68 6.99 9.26
C LEU B 45 -6.10 5.56 9.59
N GLU B 46 -7.23 5.15 9.03
CA GLU B 46 -7.76 3.82 9.29
C GLU B 46 -8.16 3.14 7.98
N TRP B 47 -7.73 1.90 7.80
CA TRP B 47 -8.03 1.16 6.58
C TRP B 47 -9.38 0.45 6.70
N ILE B 48 -10.20 0.57 5.66
CA ILE B 48 -11.55 0.02 5.70
C ILE B 48 -11.68 -1.29 4.92
N GLY B 49 -11.14 -1.31 3.70
CA GLY B 49 -11.22 -2.49 2.87
C GLY B 49 -10.66 -2.30 1.48
N ARG B 50 -10.68 -3.37 0.68
CA ARG B 50 -10.25 -3.31 -0.71
C ARG B 50 -11.16 -4.17 -1.57
N ILE B 51 -11.23 -3.84 -2.86
CA ILE B 51 -12.01 -4.59 -3.82
C ILE B 51 -11.28 -4.63 -5.16
N ASP B 52 -11.36 -5.76 -5.86
CA ASP B 52 -10.87 -5.84 -7.23
C ASP B 52 -12.06 -5.57 -8.15
N PRO B 53 -12.04 -4.43 -8.84
CA PRO B 53 -13.17 -4.01 -9.66
C PRO B 53 -13.42 -4.98 -10.81
N ASN B 54 -12.36 -5.67 -11.24
CA ASN B 54 -12.47 -6.63 -12.32
C ASN B 54 -13.29 -7.85 -11.92
N SER B 55 -13.07 -8.34 -10.70
CA SER B 55 -13.60 -9.64 -10.30
C SER B 55 -14.49 -9.55 -9.07
N ASP B 56 -14.63 -8.36 -8.50
CA ASP B 56 -15.44 -8.12 -7.30
C ASP B 56 -14.98 -8.86 -6.04
N VAL B 57 -13.80 -9.45 -6.08
CA VAL B 57 -13.17 -10.02 -4.89
C VAL B 57 -12.89 -8.90 -3.89
N ASN B 58 -13.11 -9.17 -2.60
CA ASN B 58 -12.90 -8.13 -1.59
C ASN B 58 -12.41 -8.62 -0.23
N LYS B 59 -11.99 -7.67 0.59
CA LYS B 59 -11.55 -7.95 1.95
C LYS B 59 -11.80 -6.70 2.79
N TYR B 60 -12.34 -6.90 3.99
CA TYR B 60 -12.69 -5.80 4.86
C TYR B 60 -11.81 -5.80 6.09
N ASN B 61 -11.65 -4.63 6.70
CA ASN B 61 -11.14 -4.56 8.06
C ASN B 61 -12.26 -5.09 8.94
N GLU B 62 -11.92 -6.01 9.83
CA GLU B 62 -12.94 -6.66 10.64
C GLU B 62 -13.77 -5.68 11.47
N LYS B 63 -13.17 -4.54 11.81
CA LYS B 63 -13.87 -3.50 12.57
C LYS B 63 -15.11 -2.95 11.83
N PHE B 64 -15.07 -2.99 10.51
CA PHE B 64 -16.15 -2.40 9.70
C PHE B 64 -17.00 -3.44 8.98
N GLU B 65 -16.61 -4.70 9.09
CA GLU B 65 -17.14 -5.77 8.23
C GLU B 65 -18.66 -5.95 8.26
N ASN B 66 -19.25 -5.91 9.45
CA ASN B 66 -20.70 -6.10 9.57
C ASN B 66 -21.48 -4.87 9.17
N ARG B 67 -20.76 -3.82 8.76
CA ARG B 67 -21.31 -2.49 8.68
C ARG B 67 -21.05 -1.87 7.32
N ALA B 68 -20.13 -2.45 6.57
CA ALA B 68 -19.67 -1.83 5.33
C ALA B 68 -19.88 -2.70 4.10
N SER B 69 -19.91 -2.06 2.93
CA SER B 69 -20.10 -2.77 1.69
C SER B 69 -19.36 -2.08 0.54
N LEU B 70 -18.40 -2.79 -0.06
CA LEU B 70 -17.64 -2.26 -1.20
C LEU B 70 -18.19 -2.82 -2.50
N THR B 71 -18.46 -1.93 -3.45
CA THR B 71 -19.01 -2.32 -4.74
C THR B 71 -18.39 -1.46 -5.81
N VAL B 72 -18.51 -1.89 -7.06
CA VAL B 72 -18.09 -1.05 -8.18
C VAL B 72 -19.14 -1.08 -9.27
N ASP B 73 -19.07 -0.10 -10.18
CA ASP B 73 -19.82 -0.17 -11.41
C ASP B 73 -18.84 -0.02 -12.57
N LYS B 74 -18.55 -1.15 -13.21
CA LYS B 74 -17.60 -1.17 -14.32
C LYS B 74 -18.03 -0.24 -15.44
N HIS B 75 -19.33 -0.21 -15.71
CA HIS B 75 -19.88 0.62 -16.78
C HIS B 75 -19.49 2.08 -16.62
N SER B 76 -19.57 2.60 -15.39
CA SER B 76 -19.26 4.00 -15.15
C SER B 76 -17.89 4.23 -14.50
N SER B 77 -17.12 3.15 -14.33
CA SER B 77 -15.80 3.22 -13.68
C SER B 77 -15.87 3.91 -12.33
N THR B 78 -16.83 3.50 -11.52
CA THR B 78 -17.08 4.13 -10.24
C THR B 78 -17.06 3.08 -9.15
N ALA B 79 -16.33 3.35 -8.08
CA ALA B 79 -16.31 2.47 -6.92
C ALA B 79 -17.13 3.10 -5.83
N TYR B 80 -17.83 2.26 -5.06
CA TYR B 80 -18.67 2.74 -3.98
C TYR B 80 -18.29 2.09 -2.67
N MET B 81 -18.49 2.83 -1.59
CA MET B 81 -18.32 2.29 -0.27
C MET B 81 -19.51 2.73 0.54
N GLN B 82 -20.20 1.76 1.12
CA GLN B 82 -21.38 2.04 1.91
C GLN B 82 -21.10 1.67 3.35
N LEU B 83 -21.53 2.55 4.26
CA LEU B 83 -21.35 2.30 5.68
C LEU B 83 -22.64 2.68 6.38
N SER B 84 -23.17 1.75 7.18
CA SER B 84 -24.45 1.95 7.85
C SER B 84 -24.30 2.00 9.36
N SER B 85 -25.41 2.22 10.07
CA SER B 85 -25.40 2.37 11.52
C SER B 85 -24.34 3.37 11.95
N LEU B 86 -24.35 4.52 11.29
CA LEU B 86 -23.35 5.55 11.52
C LEU B 86 -23.50 6.23 12.87
N THR B 87 -22.37 6.46 13.54
CA THR B 87 -22.36 7.27 14.75
C THR B 87 -21.40 8.43 14.53
N SER B 88 -21.23 9.26 15.55
CA SER B 88 -20.32 10.40 15.49
C SER B 88 -18.87 9.94 15.31
N GLU B 89 -18.59 8.69 15.66
CA GLU B 89 -17.26 8.10 15.49
C GLU B 89 -16.91 7.88 14.03
N ASP B 90 -17.90 8.01 13.14
CA ASP B 90 -17.67 7.81 11.71
C ASP B 90 -17.52 9.12 10.95
N SER B 91 -17.61 10.25 11.67
CA SER B 91 -17.26 11.53 11.08
C SER B 91 -15.77 11.55 10.77
N ALA B 92 -15.44 11.66 9.48
CA ALA B 92 -14.05 11.62 9.05
C ALA B 92 -13.94 12.07 7.60
N ILE B 93 -12.71 12.14 7.10
CA ILE B 93 -12.51 12.34 5.67
C ILE B 93 -12.26 10.98 5.04
N TYR B 94 -13.14 10.60 4.12
CA TYR B 94 -13.06 9.29 3.51
C TYR B 94 -12.37 9.35 2.16
N TYR B 95 -11.32 8.53 2.02
CA TYR B 95 -10.56 8.46 0.76
C TYR B 95 -10.69 7.10 0.12
N CYS B 96 -10.84 7.08 -1.19
CA CYS B 96 -10.58 5.87 -1.94
C CYS B 96 -9.16 6.00 -2.46
N ALA B 97 -8.49 4.87 -2.65
CA ALA B 97 -7.10 4.91 -3.09
C ALA B 97 -6.79 3.72 -3.99
N ARG B 98 -6.05 3.99 -5.06
CA ARG B 98 -5.70 2.94 -6.00
C ARG B 98 -4.46 2.16 -5.51
N TRP B 99 -4.54 0.84 -5.59
CA TRP B 99 -3.47 -0.03 -5.14
C TRP B 99 -2.41 -0.20 -6.21
N PHE B 100 -1.19 0.23 -5.91
CA PHE B 100 -0.04 -0.16 -6.73
C PHE B 100 0.36 -1.56 -6.27
N PHE B 101 -0.17 -2.55 -6.97
CA PHE B 101 -0.08 -3.96 -6.61
C PHE B 101 1.37 -4.48 -6.57
N PRO B 102 1.74 -5.19 -5.49
CA PRO B 102 0.95 -5.48 -4.30
C PRO B 102 1.43 -4.65 -3.11
N TRP B 103 1.82 -3.40 -3.37
CA TRP B 103 2.46 -2.59 -2.34
C TRP B 103 1.60 -1.44 -1.80
N TYR B 104 1.89 -0.24 -2.30
CA TYR B 104 1.37 0.99 -1.71
C TYR B 104 0.18 1.55 -2.47
N PHE B 105 -0.34 2.67 -1.97
CA PHE B 105 -1.40 3.42 -2.61
C PHE B 105 -0.78 4.55 -3.42
N ASP B 106 -0.89 4.49 -4.74
CA ASP B 106 -0.24 5.47 -5.59
C ASP B 106 -1.08 6.73 -5.87
N VAL B 107 -2.39 6.56 -6.00
CA VAL B 107 -3.27 7.70 -6.26
C VAL B 107 -4.41 7.74 -5.25
N TRP B 108 -4.58 8.90 -4.62
CA TRP B 108 -5.63 9.08 -3.63
C TRP B 108 -6.76 9.94 -4.15
N GLY B 109 -7.99 9.58 -3.79
CA GLY B 109 -9.16 10.35 -4.16
C GLY B 109 -9.12 11.74 -3.55
N THR B 110 -10.01 12.60 -4.00
CA THR B 110 -10.10 13.98 -3.52
C THR B 110 -10.56 14.04 -2.07
N GLY B 111 -11.25 13.00 -1.61
CA GLY B 111 -11.70 12.92 -0.23
C GLY B 111 -13.08 13.49 0.02
N THR B 112 -13.86 12.81 0.87
CA THR B 112 -15.21 13.24 1.21
C THR B 112 -15.33 13.49 2.71
N THR B 113 -15.48 14.74 3.10
CA THR B 113 -15.61 15.08 4.51
C THR B 113 -17.01 14.70 4.95
N VAL B 114 -17.09 13.70 5.82
CA VAL B 114 -18.37 13.19 6.28
C VAL B 114 -18.67 13.66 7.69
N THR B 115 -19.83 14.28 7.86
CA THR B 115 -20.28 14.70 9.18
C THR B 115 -21.52 13.92 9.59
N VAL B 116 -21.44 13.26 10.75
CA VAL B 116 -22.58 12.55 11.30
C VAL B 116 -23.22 13.38 12.42
N SER B 117 -24.35 14.01 12.10
CA SER B 117 -25.00 14.95 13.01
C SER B 117 -26.53 14.87 12.93
N SER B 118 -27.19 15.15 14.04
CA SER B 118 -28.64 15.18 14.08
C SER B 118 -29.22 16.39 13.34
N ALA B 119 -28.35 17.26 12.84
CA ALA B 119 -28.76 18.44 12.10
C ALA B 119 -28.75 18.22 10.58
N TYR C 11 20.57 -2.83 -4.21
CA TYR C 11 19.93 -2.32 -5.42
C TYR C 11 18.52 -1.81 -5.14
N VAL C 12 17.95 -1.09 -6.10
CA VAL C 12 16.56 -0.68 -6.02
C VAL C 12 15.67 -1.72 -6.67
N MET C 13 14.39 -1.71 -6.32
CA MET C 13 13.44 -2.68 -6.87
C MET C 13 13.27 -2.47 -8.36
N CYS C 14 13.14 -3.58 -9.09
CA CYS C 14 12.86 -3.52 -10.53
C CYS C 14 11.52 -2.83 -10.75
N THR C 15 11.45 -2.03 -11.82
CA THR C 15 10.22 -1.30 -12.16
C THR C 15 9.52 -1.96 -13.34
N GLY C 16 10.31 -2.70 -14.14
CA GLY C 16 9.81 -3.25 -15.38
C GLY C 16 8.84 -4.42 -15.24
N SER C 17 8.62 -5.11 -16.36
CA SER C 17 7.70 -6.23 -16.40
C SER C 17 8.47 -7.54 -16.44
N PHE C 18 7.79 -8.60 -16.03
CA PHE C 18 8.40 -9.91 -16.05
C PHE C 18 7.57 -10.84 -16.91
N LYS C 19 8.26 -11.72 -17.62
CA LYS C 19 7.61 -12.80 -18.36
C LYS C 19 8.04 -14.12 -17.75
N LEU C 20 7.10 -15.03 -17.59
CA LEU C 20 7.43 -16.36 -17.10
C LEU C 20 8.11 -17.13 -18.24
N GLU C 21 9.29 -17.69 -17.96
CA GLU C 21 10.11 -18.33 -18.98
C GLU C 21 9.81 -19.83 -19.12
N LYS C 22 9.57 -20.48 -17.99
CA LYS C 22 9.21 -21.89 -17.98
C LYS C 22 7.99 -22.06 -17.11
N GLU C 23 7.35 -23.23 -17.19
CA GLU C 23 6.28 -23.56 -16.27
C GLU C 23 6.86 -23.57 -14.87
N VAL C 24 6.08 -23.14 -13.89
CA VAL C 24 6.50 -23.22 -12.51
C VAL C 24 6.59 -24.70 -12.13
N ALA C 25 7.62 -25.07 -11.38
CA ALA C 25 7.85 -26.46 -11.06
C ALA C 25 8.02 -26.67 -9.55
N GLU C 26 7.48 -27.77 -9.04
CA GLU C 26 7.68 -28.13 -7.65
C GLU C 26 8.93 -28.98 -7.52
N THR C 27 9.78 -28.63 -6.56
CA THR C 27 11.00 -29.38 -6.32
C THR C 27 10.70 -30.60 -5.45
N GLN C 28 11.73 -31.38 -5.18
CA GLN C 28 11.60 -32.60 -4.39
C GLN C 28 11.12 -32.30 -2.97
N HIS C 29 11.44 -31.11 -2.47
CA HIS C 29 11.21 -30.77 -1.06
C HIS C 29 10.23 -29.62 -0.82
N GLY C 30 9.09 -29.66 -1.52
CA GLY C 30 8.00 -28.74 -1.26
C GLY C 30 8.29 -27.27 -1.54
N THR C 31 9.24 -27.01 -2.43
CA THR C 31 9.50 -25.66 -2.86
C THR C 31 9.16 -25.50 -4.33
N VAL C 32 9.13 -24.27 -4.81
CA VAL C 32 8.81 -24.03 -6.21
C VAL C 32 9.98 -23.36 -6.91
N LEU C 33 10.19 -23.74 -8.16
CA LEU C 33 11.20 -23.08 -8.98
C LEU C 33 10.54 -22.21 -10.03
N VAL C 34 10.76 -20.90 -9.92
CA VAL C 34 10.21 -19.94 -10.85
C VAL C 34 11.33 -19.29 -11.64
N GLN C 35 11.21 -19.35 -12.96
CA GLN C 35 12.19 -18.74 -13.84
C GLN C 35 11.54 -17.64 -14.67
N VAL C 36 12.03 -16.41 -14.52
CA VAL C 36 11.40 -15.29 -15.17
C VAL C 36 12.37 -14.52 -16.04
N LYS C 37 11.82 -13.79 -17.01
CA LYS C 37 12.58 -12.97 -17.92
C LYS C 37 12.16 -11.52 -17.76
N TYR C 38 13.13 -10.64 -17.60
CA TYR C 38 12.85 -9.23 -17.31
C TYR C 38 12.76 -8.39 -18.58
N GLU C 39 11.87 -7.41 -18.57
CA GLU C 39 11.70 -6.50 -19.68
C GLU C 39 11.74 -5.06 -19.19
N GLY C 40 12.90 -4.65 -18.70
CA GLY C 40 13.05 -3.31 -18.18
C GLY C 40 14.40 -2.72 -18.59
N THR C 41 14.65 -1.49 -18.15
CA THR C 41 15.87 -0.79 -18.52
C THR C 41 16.75 -0.51 -17.33
N ASP C 42 16.24 -0.77 -16.13
CA ASP C 42 16.92 -0.36 -14.91
C ASP C 42 17.79 -1.45 -14.27
N ALA C 43 18.03 -2.53 -15.00
CA ALA C 43 18.92 -3.59 -14.52
C ALA C 43 20.33 -3.04 -14.33
N PRO C 44 21.03 -3.47 -13.27
CA PRO C 44 20.61 -4.47 -12.26
C PRO C 44 19.64 -3.94 -11.22
N CYS C 45 18.71 -4.78 -10.81
CA CYS C 45 17.71 -4.41 -9.81
C CYS C 45 17.20 -5.65 -9.08
N LYS C 46 16.58 -5.45 -7.93
CA LYS C 46 16.01 -6.56 -7.17
C LYS C 46 14.60 -6.89 -7.65
N ILE C 47 14.32 -8.18 -7.80
CA ILE C 47 13.04 -8.66 -8.32
C ILE C 47 11.97 -8.72 -7.24
N PRO C 48 10.87 -7.97 -7.44
CA PRO C 48 9.76 -8.08 -6.49
C PRO C 48 9.18 -9.49 -6.52
N PHE C 49 9.15 -10.14 -5.37
CA PHE C 49 8.62 -11.50 -5.28
C PHE C 49 7.81 -11.64 -4.02
N SER C 50 6.54 -12.05 -4.15
CA SER C 50 5.69 -12.22 -3.00
C SER C 50 4.60 -13.22 -3.28
N THR C 51 3.87 -13.60 -2.23
CA THR C 51 2.72 -14.48 -2.40
C THR C 51 1.50 -13.89 -1.71
N GLN C 52 0.33 -14.12 -2.31
CA GLN C 52 -0.93 -13.67 -1.74
C GLN C 52 -1.93 -14.80 -1.68
N ASP C 53 -3.03 -14.58 -0.95
CA ASP C 53 -4.16 -15.50 -1.05
C ASP C 53 -5.16 -14.98 -2.07
N GLU C 54 -6.33 -15.60 -2.12
CA GLU C 54 -7.35 -15.24 -3.11
C GLU C 54 -7.83 -13.80 -2.93
N LYS C 55 -7.94 -13.37 -1.68
CA LYS C 55 -8.49 -12.05 -1.38
C LYS C 55 -7.45 -10.94 -1.37
N GLY C 56 -6.26 -11.25 -1.87
CA GLY C 56 -5.21 -10.25 -2.01
C GLY C 56 -4.40 -10.02 -0.75
N ALA C 57 -4.59 -10.87 0.25
CA ALA C 57 -3.85 -10.74 1.50
C ALA C 57 -2.43 -11.25 1.33
N THR C 58 -1.48 -10.49 1.85
CA THR C 58 -0.09 -10.93 1.94
C THR C 58 -0.01 -12.21 2.78
N GLN C 59 0.66 -13.23 2.27
CA GLN C 59 0.67 -14.54 2.93
C GLN C 59 2.06 -15.16 2.99
N ASN C 60 2.48 -15.52 4.20
CA ASN C 60 3.89 -15.81 4.51
C ASN C 60 4.56 -16.99 3.79
N GLY C 61 5.89 -16.91 3.69
CA GLY C 61 6.71 -17.93 3.07
C GLY C 61 8.17 -17.48 3.08
N ARG C 62 9.08 -18.29 2.51
CA ARG C 62 10.48 -17.87 2.46
C ARG C 62 11.20 -18.14 1.14
N LEU C 63 12.20 -17.30 0.86
CA LEU C 63 12.99 -17.39 -0.36
C LEU C 63 14.18 -18.31 -0.13
N ILE C 64 14.38 -19.25 -1.05
CA ILE C 64 15.57 -20.11 -1.00
C ILE C 64 16.71 -19.41 -1.74
N THR C 65 16.38 -18.88 -2.91
CA THR C 65 17.29 -18.01 -3.65
C THR C 65 17.75 -16.88 -2.74
N ALA C 66 19.05 -16.61 -2.76
CA ALA C 66 19.64 -15.58 -1.91
C ALA C 66 18.89 -14.27 -2.03
N ASN C 67 19.16 -13.54 -3.10
CA ASN C 67 18.44 -12.31 -3.40
C ASN C 67 18.22 -12.20 -4.90
N PRO C 68 16.97 -12.34 -5.32
CA PRO C 68 16.61 -12.34 -6.75
C PRO C 68 17.01 -11.02 -7.39
N ILE C 69 18.00 -11.08 -8.27
CA ILE C 69 18.51 -9.88 -8.91
C ILE C 69 18.66 -10.09 -10.40
N VAL C 70 18.27 -9.08 -11.18
CA VAL C 70 18.47 -9.12 -12.62
C VAL C 70 19.86 -8.59 -12.96
N THR C 71 20.78 -9.50 -13.24
CA THR C 71 22.12 -9.09 -13.65
C THR C 71 22.08 -8.56 -15.08
N ASP C 72 21.47 -9.35 -15.96
CA ASP C 72 21.40 -9.03 -17.39
C ASP C 72 20.00 -9.31 -17.94
N LYS C 73 19.32 -8.26 -18.39
CA LYS C 73 17.93 -8.36 -18.84
C LYS C 73 17.69 -9.40 -19.94
N GLU C 74 18.76 -9.83 -20.61
CA GLU C 74 18.63 -10.86 -21.64
C GLU C 74 18.79 -12.26 -21.05
N LYS C 75 19.18 -12.32 -19.78
CA LYS C 75 19.33 -13.61 -19.10
C LYS C 75 18.20 -13.84 -18.10
N PRO C 76 17.50 -14.97 -18.22
CA PRO C 76 16.43 -15.36 -17.29
C PRO C 76 16.97 -15.64 -15.89
N VAL C 77 16.20 -15.28 -14.86
CA VAL C 77 16.62 -15.51 -13.48
C VAL C 77 15.80 -16.62 -12.82
N ASN C 78 16.49 -17.53 -12.13
CA ASN C 78 15.82 -18.57 -11.38
C ASN C 78 15.55 -18.12 -9.97
N ILE C 79 14.40 -18.54 -9.45
CA ILE C 79 13.99 -18.21 -8.09
C ILE C 79 13.42 -19.45 -7.44
N GLU C 80 14.02 -19.87 -6.34
CA GLU C 80 13.46 -20.98 -5.58
C GLU C 80 12.81 -20.42 -4.32
N ALA C 81 11.59 -20.88 -4.04
CA ALA C 81 10.85 -20.35 -2.90
C ALA C 81 10.04 -21.44 -2.22
N GLU C 82 9.83 -21.26 -0.93
CA GLU C 82 8.91 -22.12 -0.19
C GLU C 82 7.61 -21.36 0.02
N PRO C 83 6.62 -21.63 -0.83
CA PRO C 83 5.32 -20.94 -0.79
C PRO C 83 4.50 -21.40 0.40
N PRO C 84 3.46 -20.63 0.79
CA PRO C 84 2.56 -21.13 1.83
C PRO C 84 1.84 -22.40 1.36
N PHE C 85 1.31 -23.16 2.32
CA PHE C 85 0.53 -24.35 2.00
C PHE C 85 -0.82 -23.97 1.43
N GLY C 86 -1.33 -24.81 0.54
CA GLY C 86 -2.64 -24.58 -0.05
C GLY C 86 -2.59 -23.63 -1.24
N GLU C 87 -3.68 -22.90 -1.43
CA GLU C 87 -3.85 -22.05 -2.60
C GLU C 87 -3.26 -20.67 -2.38
N SER C 88 -2.35 -20.28 -3.26
CA SER C 88 -1.79 -18.94 -3.22
C SER C 88 -1.54 -18.41 -4.62
N TYR C 89 -1.16 -17.14 -4.70
CA TYR C 89 -0.71 -16.55 -5.95
C TYR C 89 0.71 -16.07 -5.79
N ILE C 90 1.59 -16.55 -6.67
CA ILE C 90 2.94 -16.05 -6.69
C ILE C 90 2.96 -14.76 -7.49
N VAL C 91 3.43 -13.70 -6.88
CA VAL C 91 3.46 -12.39 -7.52
C VAL C 91 4.89 -11.97 -7.85
N VAL C 92 5.20 -11.90 -9.13
CA VAL C 92 6.52 -11.47 -9.58
C VAL C 92 6.43 -10.07 -10.21
N GLY C 93 7.12 -9.11 -9.61
CA GLY C 93 7.08 -7.74 -10.09
C GLY C 93 6.03 -6.96 -9.33
N ALA C 94 5.82 -5.72 -9.75
CA ALA C 94 4.86 -4.85 -9.09
C ALA C 94 4.22 -3.96 -10.13
N GLY C 95 3.07 -3.40 -9.78
CA GLY C 95 2.35 -2.55 -10.71
C GLY C 95 1.35 -3.34 -11.54
N GLU C 96 0.77 -2.66 -12.53
CA GLU C 96 -0.32 -3.24 -13.29
C GLU C 96 0.08 -4.51 -14.05
N LYS C 97 1.34 -4.57 -14.49
CA LYS C 97 1.83 -5.73 -15.25
C LYS C 97 2.43 -6.82 -14.36
N ALA C 98 2.18 -6.76 -13.06
CA ALA C 98 2.75 -7.75 -12.14
C ALA C 98 2.29 -9.17 -12.50
N LEU C 99 3.26 -10.07 -12.60
CA LEU C 99 2.97 -11.46 -12.90
C LEU C 99 2.25 -12.09 -11.71
N LYS C 100 1.06 -12.64 -11.94
CA LYS C 100 0.28 -13.21 -10.86
C LYS C 100 -0.04 -14.67 -11.19
N LEU C 101 0.60 -15.59 -10.47
CA LEU C 101 0.55 -17.01 -10.84
C LEU C 101 -0.03 -17.89 -9.74
N SER C 102 -1.07 -18.64 -10.10
CA SER C 102 -1.77 -19.50 -9.16
C SER C 102 -0.95 -20.72 -8.82
N TRP C 103 -0.85 -21.02 -7.53
CA TRP C 103 -0.12 -22.20 -7.07
C TRP C 103 -0.83 -22.93 -5.95
N PHE C 104 -0.79 -24.27 -6.01
CA PHE C 104 -1.29 -25.09 -4.93
C PHE C 104 -0.18 -25.96 -4.36
N LYS C 105 0.01 -25.88 -3.05
CA LYS C 105 1.04 -26.66 -2.38
C LYS C 105 0.41 -27.68 -1.44
N LYS C 106 0.53 -28.95 -1.80
CA LYS C 106 -0.10 -30.03 -1.04
C LYS C 106 0.56 -30.27 0.32
N GLY C 107 -0.21 -30.76 1.28
CA GLY C 107 0.29 -31.05 2.60
C GLY C 107 -0.69 -30.65 3.71
#